data_7RP2
#
_entry.id   7RP2
#
_cell.length_a   149.918
_cell.length_b   68.796
_cell.length_c   101.002
_cell.angle_alpha   90.000
_cell.angle_beta   114.080
_cell.angle_gamma   90.000
#
_symmetry.space_group_name_H-M   'C 1 2 1'
#
loop_
_entity.id
_entity.type
_entity.pdbx_description
1 polymer 'GTPase KRas'
2 polymer 'immunoglobulin IgG heavy chain'
3 polymer 'immunoglobulin IgG light chain'
4 non-polymer "GUANOSINE-5'-DIPHOSPHATE"
5 non-polymer 'MAGNESIUM ION'
6 non-polymer 'CACODYLATE ION'
7 non-polymer 1,2-ETHANEDIOL
8 water water
#
loop_
_entity_poly.entity_id
_entity_poly.type
_entity_poly.pdbx_seq_one_letter_code
_entity_poly.pdbx_strand_id
1 'polypeptide(L)'
;GMTEYKLVVVGACGVGKSALTIQLIQNHFVDEYDPTIEDSYRKQVVIDGETSLLDILDTAGQEEYSAMRDQYMRTGEGFL
LVFAINNTKSFEDIHHYREQIKRVKDSEDVPMVLVGNKSDLPSRTVDTKQAQDLARSYGIPFIETSAKTRQGVDDAFYTL
VREIRKHKEK
;
A
2 'polypeptide(L)'
;EVQLQESGPGLVKPPGTLSLTCAVSGGSISSSNWWSWVRQPPGKGLEWIGEIYHSGSTNYNPSLKSRVTISVDKSKNQFS
LKLSSVTAADTAVYYCARGSSSWYDLGPFDYWGQGTLVTVSSASTKGPSVFPLAPSSKSTSGGTAALGCLVKDYFPEPVT
VSWNSGALTSGVHTFPAVLQSSGLYSLSSVVTVPSSSLGTQTYICNVNHKPSNTKVDKKVEPKSCD
;
H
3 'polypeptide(L)'
;SVLTQPPSASGTPGQRVTISCSGSSSNIGSNYVYWYQQLPGTAPKLLIYRNNQRPSGVPDRFSGSKSGTSASLAISGLRS
EDEADYYCAAWDERLSGWVFGGGTKLTVLGQPKAAPSVTLFPPSSEELQANKATLVCLISDFYPGAVTVAWKADSSPVKA
GVETTTPSKQSNNKYAASSYLSLTPEQWKSHRSYSCQVTHEGSTVEKTVAPTECS
;
I
#
# COMPACT_ATOMS: atom_id res chain seq x y z
N GLY A 1 -0.79 9.49 37.94
CA GLY A 1 -0.77 8.24 38.67
C GLY A 1 -0.71 7.02 37.77
N MET A 2 -1.53 7.03 36.71
CA MET A 2 -1.56 5.96 35.71
C MET A 2 -0.33 6.10 34.84
N THR A 3 0.76 5.47 35.28
CA THR A 3 2.09 5.70 34.73
C THR A 3 2.46 4.66 33.68
N GLU A 4 3.36 5.07 32.79
CA GLU A 4 3.75 4.28 31.62
C GLU A 4 5.19 3.79 31.78
N TYR A 5 5.41 2.53 31.44
CA TYR A 5 6.74 1.93 31.38
C TYR A 5 6.92 1.32 30.00
N LYS A 6 7.96 1.76 29.28
CA LYS A 6 8.26 1.28 27.94
C LYS A 6 9.47 0.37 28.01
N LEU A 7 9.26 -0.92 27.76
CA LEU A 7 10.30 -1.94 27.84
C LEU A 7 10.59 -2.48 26.45
N VAL A 8 11.87 -2.77 26.19
CA VAL A 8 12.31 -3.37 24.94
C VAL A 8 12.95 -4.71 25.25
N VAL A 9 12.55 -5.74 24.52
CA VAL A 9 13.12 -7.07 24.66
C VAL A 9 14.04 -7.32 23.48
N VAL A 10 15.34 -7.49 23.76
CA VAL A 10 16.33 -7.69 22.72
C VAL A 10 17.00 -9.05 22.94
N GLY A 11 17.64 -9.53 21.88
CA GLY A 11 18.35 -10.79 21.94
C GLY A 11 18.49 -11.41 20.56
N ALA A 12 19.39 -12.39 20.46
CA ALA A 12 19.63 -13.10 19.21
C ALA A 12 18.39 -13.89 18.79
N CYS A 13 18.45 -14.40 17.56
CA CYS A 13 17.31 -15.14 17.01
C CYS A 13 17.08 -16.43 17.78
N GLY A 14 15.84 -16.65 18.19
CA GLY A 14 15.44 -17.89 18.81
C GLY A 14 15.62 -17.96 20.32
N VAL A 15 16.08 -16.89 20.96
CA VAL A 15 16.31 -16.94 22.40
C VAL A 15 15.00 -17.01 23.19
N GLY A 16 13.89 -16.58 22.60
CA GLY A 16 12.61 -16.62 23.29
C GLY A 16 12.02 -15.24 23.54
N LYS A 17 12.40 -14.26 22.72
CA LYS A 17 11.86 -12.91 22.88
C LYS A 17 10.34 -12.92 22.72
N SER A 18 9.85 -13.46 21.59
CA SER A 18 8.42 -13.55 21.38
C SER A 18 7.76 -14.46 22.41
N ALA A 19 8.47 -15.49 22.87
CA ALA A 19 7.89 -16.41 23.85
C ALA A 19 7.68 -15.71 25.20
N LEU A 20 8.71 -15.01 25.68
CA LEU A 20 8.59 -14.32 26.97
C LEU A 20 7.54 -13.22 26.92
N THR A 21 7.51 -12.46 25.82
CA THR A 21 6.58 -11.34 25.72
C THR A 21 5.13 -11.84 25.74
N ILE A 22 4.82 -12.84 24.92
CA ILE A 22 3.44 -13.31 24.82
C ILE A 22 3.00 -13.99 26.10
N GLN A 23 3.91 -14.65 26.82
CA GLN A 23 3.57 -15.20 28.11
C GLN A 23 3.15 -14.11 29.10
N LEU A 24 3.82 -12.96 29.04
CA LEU A 24 3.48 -11.87 29.95
C LEU A 24 2.14 -11.24 29.59
N ILE A 25 1.84 -11.13 28.30
CA ILE A 25 0.63 -10.46 27.84
C ILE A 25 -0.54 -11.45 27.84
N GLN A 26 -0.47 -12.47 26.99
CA GLN A 26 -1.60 -13.34 26.72
C GLN A 26 -1.61 -14.60 27.57
N ASN A 27 -0.63 -14.79 28.45
CA ASN A 27 -0.65 -15.84 29.47
C ASN A 27 -0.71 -17.24 28.85
N HIS A 28 0.16 -17.49 27.87
CA HIS A 28 0.29 -18.85 27.33
C HIS A 28 1.56 -18.92 26.50
N PHE A 29 1.99 -20.15 26.23
CA PHE A 29 3.23 -20.43 25.53
C PHE A 29 2.94 -20.64 24.06
N VAL A 30 3.53 -19.80 23.20
CA VAL A 30 3.42 -19.94 21.76
C VAL A 30 4.57 -20.81 21.26
N ASP A 31 4.22 -21.90 20.58
CA ASP A 31 5.21 -22.90 20.16
C ASP A 31 6.13 -22.34 19.08
N GLU A 32 5.62 -22.20 17.87
CA GLU A 32 6.40 -21.76 16.72
C GLU A 32 5.84 -20.42 16.23
N TYR A 33 6.40 -19.33 16.74
CA TYR A 33 5.98 -17.99 16.37
C TYR A 33 6.90 -17.44 15.29
N ASP A 34 6.31 -16.73 14.32
CA ASP A 34 7.02 -16.13 13.22
C ASP A 34 8.24 -15.35 13.70
N PRO A 35 9.45 -15.73 13.30
CA PRO A 35 10.65 -15.03 13.80
C PRO A 35 10.77 -13.61 13.31
N THR A 36 10.09 -13.22 12.23
CA THR A 36 10.24 -11.89 11.65
C THR A 36 9.34 -10.84 12.28
N ILE A 37 8.32 -11.25 13.03
CA ILE A 37 7.31 -10.31 13.52
C ILE A 37 7.90 -9.48 14.65
N GLU A 38 7.86 -8.16 14.49
CA GLU A 38 8.22 -7.21 15.54
C GLU A 38 6.99 -6.37 15.86
N ASP A 39 6.47 -6.50 17.08
CA ASP A 39 5.25 -5.81 17.47
C ASP A 39 5.43 -5.20 18.86
N SER A 40 4.59 -4.21 19.14
CA SER A 40 4.45 -3.65 20.48
C SER A 40 3.19 -4.19 21.12
N TYR A 41 3.23 -4.34 22.45
CA TYR A 41 2.10 -4.86 23.22
C TYR A 41 1.86 -3.99 24.43
N ARG A 42 0.63 -4.04 24.94
CA ARG A 42 0.20 -3.22 26.06
C ARG A 42 -0.52 -4.07 27.09
N LYS A 43 -0.15 -3.92 28.36
CA LYS A 43 -0.73 -4.69 29.44
C LYS A 43 -0.76 -3.85 30.71
N GLN A 44 -1.89 -3.91 31.42
CA GLN A 44 -2.07 -3.21 32.70
C GLN A 44 -1.75 -4.19 33.83
N VAL A 45 -0.80 -3.82 34.68
CA VAL A 45 -0.33 -4.68 35.76
C VAL A 45 -0.27 -3.88 37.06
N VAL A 46 -0.07 -4.60 38.15
CA VAL A 46 0.06 -4.02 39.49
C VAL A 46 1.40 -4.48 40.04
N ILE A 47 2.38 -3.59 40.03
CA ILE A 47 3.73 -3.88 40.52
C ILE A 47 3.93 -3.13 41.83
N ASP A 48 4.14 -3.88 42.91
CA ASP A 48 4.37 -3.32 44.24
C ASP A 48 3.20 -2.41 44.66
N GLY A 49 1.98 -2.84 44.35
CA GLY A 49 0.78 -2.10 44.65
C GLY A 49 0.41 -1.04 43.64
N GLU A 50 1.39 -0.49 42.93
CA GLU A 50 1.14 0.57 41.96
C GLU A 50 0.63 -0.01 40.65
N THR A 51 -0.50 0.52 40.17
CA THR A 51 -1.03 0.11 38.88
C THR A 51 -0.23 0.77 37.76
N SER A 52 0.31 -0.05 36.86
CA SER A 52 1.24 0.42 35.85
C SER A 52 0.77 0.01 34.46
N LEU A 53 1.16 0.82 33.47
CA LEU A 53 0.87 0.57 32.07
C LEU A 53 2.15 0.10 31.39
N LEU A 54 2.13 -1.13 30.88
CA LEU A 54 3.31 -1.77 30.31
C LEU A 54 3.24 -1.75 28.79
N ASP A 55 4.19 -1.06 28.17
CA ASP A 55 4.37 -1.08 26.72
C ASP A 55 5.68 -1.81 26.43
N ILE A 56 5.58 -2.93 25.69
CA ILE A 56 6.71 -3.81 25.46
C ILE A 56 6.95 -3.92 23.96
N LEU A 57 8.19 -3.68 23.54
CA LEU A 57 8.59 -3.84 22.15
C LEU A 57 9.36 -5.16 22.02
N ASP A 58 8.74 -6.13 21.36
CA ASP A 58 9.39 -7.41 21.05
C ASP A 58 10.12 -7.26 19.73
N THR A 59 11.43 -7.03 19.80
CA THR A 59 12.22 -6.82 18.60
C THR A 59 12.34 -8.10 17.79
N ALA A 60 12.50 -7.94 16.48
CA ALA A 60 12.77 -9.04 15.57
C ALA A 60 13.96 -8.67 14.68
N GLY A 61 14.75 -9.69 14.37
CA GLY A 61 16.14 -9.63 13.90
C GLY A 61 16.76 -8.41 13.25
N GLN A 62 16.49 -8.23 11.96
CA GLN A 62 17.33 -7.41 11.08
C GLN A 62 17.61 -6.02 11.65
N GLU A 63 18.61 -5.95 12.52
CA GLU A 63 18.97 -4.69 13.16
C GLU A 63 19.34 -3.65 12.12
N GLU A 64 18.85 -2.42 12.32
CA GLU A 64 19.08 -1.34 11.38
C GLU A 64 19.61 -0.14 12.12
N TYR A 65 20.31 0.72 11.38
CA TYR A 65 20.96 1.90 11.90
C TYR A 65 20.47 3.15 11.20
N SER A 66 19.18 3.15 10.85
CA SER A 66 18.50 4.38 10.48
C SER A 66 18.23 5.20 11.73
N ALA A 67 18.16 6.52 11.56
CA ALA A 67 17.90 7.41 12.70
C ALA A 67 16.59 7.05 13.39
N MET A 68 15.54 6.83 12.59
CA MET A 68 14.22 6.52 13.15
C MET A 68 14.26 5.24 13.99
N ARG A 69 14.99 4.22 13.52
CA ARG A 69 15.16 3.00 14.31
C ARG A 69 15.81 3.32 15.65
N ASP A 70 16.81 4.20 15.64
CA ASP A 70 17.37 4.69 16.89
C ASP A 70 16.31 5.40 17.72
N GLN A 71 15.58 6.33 17.07
CA GLN A 71 14.48 7.01 17.75
C GLN A 71 13.45 6.01 18.26
N TYR A 72 13.23 4.93 17.51
CA TYR A 72 12.30 3.89 17.95
C TYR A 72 12.76 3.27 19.27
N MET A 73 14.08 3.11 19.44
CA MET A 73 14.59 2.43 20.61
C MET A 73 14.75 3.37 21.80
N ARG A 74 15.10 4.63 21.54
CA ARG A 74 15.23 5.61 22.62
C ARG A 74 13.95 5.71 23.44
N THR A 75 12.80 5.42 22.81
CA THR A 75 11.54 5.39 23.54
C THR A 75 11.55 4.35 24.65
N GLY A 76 12.38 3.32 24.51
CA GLY A 76 12.48 2.33 25.56
C GLY A 76 13.15 2.89 26.79
N GLU A 77 12.57 2.61 27.97
CA GLU A 77 13.15 2.98 29.25
C GLU A 77 13.93 1.86 29.89
N GLY A 78 13.50 0.62 29.71
CA GLY A 78 14.24 -0.53 30.18
C GLY A 78 14.44 -1.53 29.06
N PHE A 79 15.43 -2.40 29.25
CA PHE A 79 15.84 -3.33 28.21
C PHE A 79 16.11 -4.70 28.83
N LEU A 80 15.36 -5.70 28.38
CA LEU A 80 15.63 -7.10 28.74
C LEU A 80 16.65 -7.65 27.75
N LEU A 81 17.86 -7.91 28.23
CA LEU A 81 18.90 -8.57 27.43
C LEU A 81 18.68 -10.08 27.58
N VAL A 82 18.11 -10.70 26.55
CA VAL A 82 17.66 -12.09 26.62
C VAL A 82 18.62 -12.96 25.82
N PHE A 83 19.02 -14.08 26.42
CA PHE A 83 19.78 -15.12 25.75
C PHE A 83 19.23 -16.47 26.21
N ALA A 84 19.50 -17.50 25.42
CA ALA A 84 19.12 -18.86 25.76
C ALA A 84 20.31 -19.58 26.40
N ILE A 85 20.02 -20.43 27.40
CA ILE A 85 21.09 -21.10 28.13
C ILE A 85 21.74 -22.19 27.30
N ASN A 86 21.03 -22.74 26.32
CA ASN A 86 21.60 -23.76 25.43
C ASN A 86 22.23 -23.15 24.19
N ASN A 87 22.53 -21.85 24.20
CA ASN A 87 23.10 -21.15 23.05
C ASN A 87 24.31 -20.36 23.54
N THR A 88 25.50 -20.90 23.31
CA THR A 88 26.71 -20.21 23.74
C THR A 88 26.87 -18.86 23.05
N LYS A 89 26.45 -18.76 21.79
CA LYS A 89 26.66 -17.52 21.05
C LYS A 89 25.69 -16.41 21.44
N SER A 90 24.46 -16.77 21.82
CA SER A 90 23.53 -15.74 22.28
C SER A 90 24.04 -15.05 23.53
N PHE A 91 24.80 -15.76 24.36
CA PHE A 91 25.43 -15.15 25.53
C PHE A 91 26.60 -14.26 25.14
N GLU A 92 27.35 -14.65 24.09
CA GLU A 92 28.45 -13.82 23.62
C GLU A 92 27.97 -12.55 22.95
N ASP A 93 26.75 -12.54 22.42
CA ASP A 93 26.18 -11.35 21.78
C ASP A 93 25.61 -10.37 22.79
N ILE A 94 25.58 -10.72 24.08
CA ILE A 94 24.95 -9.86 25.08
C ILE A 94 25.63 -8.49 25.12
N HIS A 95 26.97 -8.47 25.09
CA HIS A 95 27.66 -7.19 25.13
C HIS A 95 27.50 -6.43 23.83
N HIS A 96 27.29 -7.12 22.70
CA HIS A 96 27.04 -6.43 21.45
C HIS A 96 25.71 -5.69 21.48
N TYR A 97 24.73 -6.19 22.24
CA TYR A 97 23.47 -5.47 22.41
C TYR A 97 23.62 -4.32 23.40
N ARG A 98 24.35 -4.54 24.50
CA ARG A 98 24.49 -3.52 25.51
C ARG A 98 25.21 -2.29 24.97
N GLU A 99 26.23 -2.50 24.13
CA GLU A 99 26.94 -1.39 23.52
C GLU A 99 26.01 -0.57 22.62
N GLN A 100 25.15 -1.25 21.86
CA GLN A 100 24.22 -0.55 20.99
C GLN A 100 23.13 0.16 21.77
N ILE A 101 22.70 -0.41 22.90
CA ILE A 101 21.69 0.24 23.72
C ILE A 101 22.22 1.53 24.30
N LYS A 102 23.43 1.50 24.86
CA LYS A 102 24.04 2.70 25.40
C LYS A 102 24.30 3.73 24.30
N ARG A 103 24.54 3.27 23.08
CA ARG A 103 24.86 4.19 22.00
C ARG A 103 23.65 5.03 21.60
N VAL A 104 22.47 4.42 21.51
CA VAL A 104 21.29 5.17 21.07
C VAL A 104 20.78 6.09 22.17
N LYS A 105 20.90 5.68 23.44
CA LYS A 105 20.47 6.53 24.54
C LYS A 105 21.56 7.51 24.98
N ASP A 106 22.77 7.39 24.43
CA ASP A 106 23.92 8.19 24.83
C ASP A 106 24.03 8.25 26.35
N SER A 107 24.42 7.14 26.96
CA SER A 107 24.49 7.08 28.42
C SER A 107 25.20 5.80 28.84
N GLU A 108 26.00 5.90 29.90
CA GLU A 108 26.55 4.72 30.57
C GLU A 108 25.60 4.14 31.60
N ASP A 109 24.50 4.83 31.90
CA ASP A 109 23.54 4.42 32.91
C ASP A 109 22.18 4.20 32.24
N VAL A 110 21.94 2.97 31.79
CA VAL A 110 20.68 2.59 31.17
C VAL A 110 20.11 1.38 31.91
N PRO A 111 18.85 1.43 32.34
CA PRO A 111 18.27 0.29 33.07
C PRO A 111 18.14 -0.94 32.18
N MET A 112 18.75 -2.04 32.63
CA MET A 112 18.72 -3.30 31.89
C MET A 112 18.61 -4.45 32.87
N VAL A 113 18.15 -5.59 32.36
CA VAL A 113 18.09 -6.84 33.14
C VAL A 113 18.55 -7.97 32.23
N LEU A 114 19.52 -8.75 32.71
CA LEU A 114 20.02 -9.91 31.96
C LEU A 114 19.10 -11.10 32.23
N VAL A 115 18.67 -11.75 31.15
CA VAL A 115 17.67 -12.82 31.23
C VAL A 115 18.22 -14.06 30.54
N GLY A 116 18.35 -15.15 31.29
CA GLY A 116 18.63 -16.45 30.72
C GLY A 116 17.36 -17.24 30.54
N ASN A 117 16.96 -17.48 29.30
CA ASN A 117 15.70 -18.15 28.99
C ASN A 117 15.93 -19.63 28.72
N LYS A 118 14.83 -20.37 28.64
CA LYS A 118 14.83 -21.82 28.39
C LYS A 118 15.54 -22.57 29.52
N SER A 119 15.20 -22.20 30.75
CA SER A 119 15.78 -22.84 31.93
C SER A 119 15.06 -24.14 32.31
N ASP A 120 14.17 -24.63 31.46
CA ASP A 120 13.52 -25.92 31.65
C ASP A 120 14.23 -27.06 30.94
N LEU A 121 15.28 -26.75 30.18
CA LEU A 121 15.95 -27.75 29.35
C LEU A 121 16.90 -28.60 30.21
N PRO A 122 16.97 -29.91 29.94
CA PRO A 122 17.99 -30.72 30.62
C PRO A 122 19.39 -30.42 30.16
N SER A 123 19.56 -30.05 28.89
CA SER A 123 20.87 -29.70 28.34
C SER A 123 21.12 -28.21 28.51
N ARG A 124 22.31 -27.87 28.99
CA ARG A 124 22.69 -26.48 29.19
C ARG A 124 24.14 -26.29 28.74
N THR A 125 24.39 -25.20 28.03
CA THR A 125 25.74 -24.86 27.57
C THR A 125 26.25 -23.55 28.13
N VAL A 126 25.47 -22.84 28.95
CA VAL A 126 25.89 -21.59 29.56
C VAL A 126 25.69 -21.70 31.07
N ASP A 127 26.78 -21.66 31.82
CA ASP A 127 26.72 -21.82 33.26
C ASP A 127 26.09 -20.60 33.91
N THR A 128 25.35 -20.84 35.01
CA THR A 128 24.70 -19.74 35.72
C THR A 128 25.72 -18.78 36.32
N LYS A 129 26.80 -19.32 36.88
CA LYS A 129 27.83 -18.46 37.45
C LYS A 129 28.50 -17.61 36.37
N GLN A 130 28.59 -18.13 35.15
CA GLN A 130 29.16 -17.37 34.05
C GLN A 130 28.34 -16.11 33.78
N ALA A 131 27.02 -16.20 33.94
CA ALA A 131 26.14 -15.07 33.74
C ALA A 131 25.99 -14.20 34.98
N GLN A 132 26.12 -14.78 36.17
CA GLN A 132 26.20 -13.98 37.39
C GLN A 132 27.35 -12.98 37.30
N ASP A 133 28.52 -13.45 36.85
CA ASP A 133 29.69 -12.58 36.75
C ASP A 133 29.46 -11.45 35.76
N LEU A 134 28.96 -11.79 34.57
CA LEU A 134 28.74 -10.77 33.55
C LEU A 134 27.71 -9.74 34.00
N ALA A 135 26.72 -10.16 34.80
CA ALA A 135 25.71 -9.23 35.26
C ALA A 135 26.30 -8.22 36.25
N ARG A 136 27.21 -8.66 37.11
CA ARG A 136 27.81 -7.75 38.09
C ARG A 136 28.67 -6.69 37.39
N SER A 137 29.40 -7.09 36.35
CA SER A 137 30.23 -6.13 35.62
C SER A 137 29.39 -5.03 34.97
N TYR A 138 28.10 -5.27 34.75
CA TYR A 138 27.20 -4.26 34.24
C TYR A 138 26.39 -3.58 35.33
N GLY A 139 26.28 -4.19 36.50
CA GLY A 139 25.46 -3.64 37.57
C GLY A 139 23.98 -3.93 37.43
N ILE A 140 23.60 -4.96 36.68
CA ILE A 140 22.19 -5.26 36.43
C ILE A 140 21.84 -6.62 37.03
N PRO A 141 20.58 -6.86 37.36
CA PRO A 141 20.19 -8.18 37.88
C PRO A 141 20.24 -9.24 36.79
N PHE A 142 20.06 -10.49 37.23
CA PHE A 142 20.05 -11.64 36.34
C PHE A 142 18.92 -12.57 36.75
N ILE A 143 18.04 -12.89 35.80
CA ILE A 143 16.84 -13.69 36.07
C ILE A 143 16.90 -14.96 35.23
N GLU A 144 16.56 -16.08 35.85
CA GLU A 144 16.54 -17.39 35.20
C GLU A 144 15.09 -17.69 34.84
N THR A 145 14.74 -17.51 33.58
CA THR A 145 13.36 -17.60 33.13
C THR A 145 13.15 -18.83 32.24
N SER A 146 11.89 -19.22 32.15
CA SER A 146 11.45 -20.27 31.22
C SER A 146 10.06 -19.88 30.72
N ALA A 147 9.95 -19.56 29.43
CA ALA A 147 8.66 -19.20 28.87
C ALA A 147 7.74 -20.41 28.70
N LYS A 148 8.31 -21.61 28.66
CA LYS A 148 7.48 -22.81 28.48
C LYS A 148 6.72 -23.18 29.76
N THR A 149 7.31 -22.93 30.92
CA THR A 149 6.65 -23.17 32.20
C THR A 149 6.26 -21.89 32.91
N ARG A 150 6.55 -20.73 32.31
CA ARG A 150 6.23 -19.42 32.90
C ARG A 150 6.93 -19.24 34.25
N GLN A 151 8.14 -19.78 34.37
CA GLN A 151 8.93 -19.64 35.59
C GLN A 151 9.71 -18.34 35.55
N GLY A 152 9.43 -17.44 36.49
CA GLY A 152 10.16 -16.19 36.58
C GLY A 152 9.88 -15.20 35.47
N VAL A 153 8.77 -15.36 34.75
CA VAL A 153 8.46 -14.45 33.64
C VAL A 153 8.06 -13.09 34.18
N ASP A 154 7.04 -13.04 35.04
CA ASP A 154 6.67 -11.79 35.68
C ASP A 154 7.83 -11.22 36.49
N ASP A 155 8.57 -12.10 37.18
CA ASP A 155 9.72 -11.67 37.97
C ASP A 155 10.72 -10.91 37.12
N ALA A 156 10.99 -11.40 35.90
CA ALA A 156 11.99 -10.75 35.04
C ALA A 156 11.49 -9.39 34.55
N PHE A 157 10.23 -9.32 34.11
CA PHE A 157 9.71 -8.05 33.62
C PHE A 157 9.50 -7.05 34.75
N TYR A 158 8.91 -7.50 35.86
CA TYR A 158 8.68 -6.60 37.00
C TYR A 158 9.98 -6.04 37.53
N THR A 159 11.05 -6.85 37.53
CA THR A 159 12.35 -6.37 37.97
C THR A 159 12.84 -5.23 37.08
N LEU A 160 12.66 -5.36 35.76
CA LEU A 160 13.07 -4.29 34.85
C LEU A 160 12.33 -3.00 35.16
N VAL A 161 11.05 -3.10 35.51
CA VAL A 161 10.30 -1.91 35.92
C VAL A 161 10.89 -1.31 37.19
N ARG A 162 11.21 -2.16 38.17
CA ARG A 162 11.82 -1.68 39.41
C ARG A 162 13.18 -1.03 39.14
N GLU A 163 13.93 -1.53 38.17
CA GLU A 163 15.19 -0.91 37.79
C GLU A 163 14.99 0.41 37.05
N ILE A 164 13.78 0.69 36.59
CA ILE A 164 13.48 1.98 35.95
C ILE A 164 13.13 3.04 36.99
N ARG A 165 12.36 2.65 38.01
CA ARG A 165 12.05 3.58 39.10
C ARG A 165 13.31 4.14 39.73
N LYS A 166 14.27 3.27 40.03
CA LYS A 166 15.55 3.68 40.62
C LYS A 166 16.45 4.36 39.59
N HIS A 167 15.87 5.23 38.77
CA HIS A 167 16.63 5.97 37.77
C HIS A 167 15.99 7.34 37.56
N LYS A 168 14.66 7.38 37.50
CA LYS A 168 13.94 8.64 37.47
C LYS A 168 13.70 9.21 38.85
N GLU A 169 13.80 8.38 39.89
CA GLU A 169 13.74 8.82 41.28
C GLU A 169 15.12 8.88 41.91
N LYS A 170 16.13 9.28 41.15
CA LYS A 170 17.45 9.56 41.68
C LYS A 170 17.83 11.01 41.38
N GLU B 1 7.87 -5.71 8.91
CA GLU B 1 7.03 -5.45 7.74
C GLU B 1 5.69 -6.17 7.86
N VAL B 2 4.77 -5.59 8.63
CA VAL B 2 3.41 -6.10 8.63
C VAL B 2 2.79 -5.87 7.26
N GLN B 3 1.96 -6.81 6.82
CA GLN B 3 1.34 -6.74 5.51
C GLN B 3 -0.16 -6.92 5.65
N LEU B 4 -0.90 -6.12 4.90
CA LEU B 4 -2.36 -6.13 4.92
C LEU B 4 -2.87 -6.40 3.52
N GLN B 5 -3.92 -7.22 3.42
CA GLN B 5 -4.54 -7.49 2.14
C GLN B 5 -6.05 -7.53 2.33
N GLU B 6 -6.75 -6.68 1.60
CA GLU B 6 -8.20 -6.60 1.68
C GLU B 6 -8.84 -7.50 0.64
N SER B 7 -9.94 -8.13 1.01
CA SER B 7 -10.68 -9.01 0.11
C SER B 7 -12.17 -8.80 0.33
N GLY B 8 -12.91 -8.79 -0.78
CA GLY B 8 -14.34 -8.61 -0.72
C GLY B 8 -14.95 -8.50 -2.10
N PRO B 9 -16.28 -8.50 -2.16
CA PRO B 9 -16.97 -8.44 -3.45
C PRO B 9 -16.67 -7.14 -4.18
N GLY B 10 -16.47 -7.25 -5.50
CA GLY B 10 -16.22 -6.08 -6.32
C GLY B 10 -17.47 -5.28 -6.62
N LEU B 11 -18.63 -5.94 -6.66
CA LEU B 11 -19.90 -5.28 -6.94
C LEU B 11 -20.88 -5.55 -5.81
N VAL B 12 -21.63 -4.52 -5.41
CA VAL B 12 -22.71 -4.64 -4.45
C VAL B 12 -23.93 -3.92 -5.00
N LYS B 13 -25.08 -4.60 -4.98
CA LYS B 13 -26.29 -3.90 -5.42
C LYS B 13 -26.91 -3.12 -4.26
N PRO B 14 -27.46 -1.94 -4.55
CA PRO B 14 -28.00 -1.06 -3.48
C PRO B 14 -29.05 -1.76 -2.63
N PRO B 15 -29.62 -1.06 -1.61
CA PRO B 15 -29.92 -1.68 -0.32
C PRO B 15 -28.96 -2.71 0.28
N GLY B 16 -28.10 -3.36 -0.51
CA GLY B 16 -27.27 -4.43 0.02
C GLY B 16 -26.19 -3.95 0.98
N THR B 17 -25.53 -4.92 1.61
CA THR B 17 -24.47 -4.66 2.59
C THR B 17 -23.11 -5.01 2.00
N LEU B 18 -22.20 -4.03 2.00
CA LEU B 18 -20.82 -4.27 1.61
C LEU B 18 -20.06 -4.92 2.75
N SER B 19 -19.35 -6.01 2.45
CA SER B 19 -18.59 -6.73 3.45
C SER B 19 -17.16 -6.92 2.95
N LEU B 20 -16.19 -6.48 3.74
CA LEU B 20 -14.79 -6.58 3.38
C LEU B 20 -13.99 -7.16 4.54
N THR B 21 -12.91 -7.85 4.20
CA THR B 21 -12.04 -8.50 5.17
C THR B 21 -10.60 -8.09 4.88
N CYS B 22 -9.81 -7.90 5.94
CA CYS B 22 -8.40 -7.60 5.79
C CYS B 22 -7.59 -8.69 6.49
N ALA B 23 -6.89 -9.48 5.70
CA ALA B 23 -5.99 -10.49 6.24
C ALA B 23 -4.65 -9.84 6.57
N VAL B 24 -4.16 -10.09 7.78
CA VAL B 24 -2.95 -9.44 8.29
C VAL B 24 -1.85 -10.49 8.41
N SER B 25 -0.68 -10.17 7.85
CA SER B 25 0.50 -11.02 7.87
C SER B 25 1.67 -10.25 8.47
N GLY B 26 2.62 -10.99 9.02
CA GLY B 26 3.82 -10.38 9.57
C GLY B 26 3.55 -9.46 10.75
N GLY B 27 2.51 -9.74 11.52
CA GLY B 27 2.14 -8.91 12.64
C GLY B 27 0.85 -9.40 13.28
N SER B 28 0.76 -9.31 14.60
CA SER B 28 -0.39 -9.80 15.33
C SER B 28 -1.48 -8.74 15.37
N ILE B 29 -2.74 -9.20 15.23
CA ILE B 29 -3.87 -8.30 15.41
C ILE B 29 -3.96 -7.82 16.86
N SER B 30 -3.30 -8.50 17.78
CA SER B 30 -3.36 -8.17 19.20
C SER B 30 -2.25 -7.21 19.63
N SER B 31 -1.49 -6.68 18.69
CA SER B 31 -0.52 -5.65 19.04
C SER B 31 -1.25 -4.36 19.44
N SER B 32 -0.51 -3.47 20.10
CA SER B 32 -1.09 -2.23 20.59
C SER B 32 -1.14 -1.19 19.46
N ASN B 33 -1.88 -1.53 18.41
CA ASN B 33 -2.09 -0.65 17.28
C ASN B 33 -3.59 -0.56 17.01
N TRP B 34 -3.97 0.42 16.20
CA TRP B 34 -5.35 0.62 15.80
C TRP B 34 -5.49 0.28 14.33
N TRP B 35 -6.51 -0.51 14.01
CA TRP B 35 -6.72 -1.05 12.67
C TRP B 35 -7.85 -0.27 12.01
N SER B 36 -7.52 0.45 10.94
CA SER B 36 -8.43 1.40 10.31
C SER B 36 -8.90 0.91 8.95
N TRP B 37 -10.04 1.43 8.53
CA TRP B 37 -10.51 1.35 7.15
C TRP B 37 -10.59 2.76 6.60
N VAL B 38 -10.03 2.96 5.41
CA VAL B 38 -10.07 4.22 4.70
C VAL B 38 -10.61 3.93 3.30
N ARG B 39 -11.32 4.89 2.73
CA ARG B 39 -11.80 4.72 1.36
C ARG B 39 -11.49 5.96 0.53
N GLN B 40 -11.49 5.75 -0.79
CA GLN B 40 -11.15 6.81 -1.74
C GLN B 40 -11.96 6.65 -3.03
N PRO B 41 -12.97 7.50 -3.25
CA PRO B 41 -13.68 7.44 -4.52
C PRO B 41 -12.73 7.70 -5.67
N PRO B 42 -12.95 7.06 -6.81
CA PRO B 42 -12.00 7.20 -7.93
C PRO B 42 -11.90 8.65 -8.39
N GLY B 43 -10.65 9.13 -8.47
CA GLY B 43 -10.38 10.50 -8.84
C GLY B 43 -10.59 11.52 -7.74
N LYS B 44 -10.97 11.10 -6.53
CA LYS B 44 -11.23 12.02 -5.44
C LYS B 44 -10.33 11.68 -4.26
N GLY B 45 -10.59 12.31 -3.11
CA GLY B 45 -9.71 12.26 -1.97
C GLY B 45 -10.05 11.19 -0.95
N LEU B 46 -9.16 11.05 0.03
CA LEU B 46 -9.30 10.02 1.05
C LEU B 46 -10.38 10.38 2.06
N GLU B 47 -11.03 9.35 2.61
CA GLU B 47 -12.05 9.53 3.63
C GLU B 47 -11.93 8.39 4.64
N TRP B 48 -11.75 8.74 5.91
CA TRP B 48 -11.62 7.77 6.98
C TRP B 48 -12.98 7.17 7.34
N ILE B 49 -12.98 5.87 7.63
CA ILE B 49 -14.22 5.15 7.89
C ILE B 49 -14.34 4.83 9.38
N GLY B 50 -13.34 4.16 9.93
CA GLY B 50 -13.40 3.81 11.33
C GLY B 50 -12.16 3.06 11.76
N GLU B 51 -12.13 2.74 13.06
CA GLU B 51 -10.99 2.20 13.76
C GLU B 51 -11.44 1.06 14.67
N ILE B 52 -10.53 0.13 14.94
CA ILE B 52 -10.80 -0.89 15.95
C ILE B 52 -9.50 -1.24 16.67
N TYR B 53 -9.61 -1.48 17.96
CA TYR B 53 -8.55 -2.02 18.78
C TYR B 53 -8.86 -3.49 19.06
N HIS B 54 -7.81 -4.26 19.36
CA HIS B 54 -8.00 -5.70 19.49
C HIS B 54 -8.91 -6.07 20.67
N SER B 55 -9.09 -5.14 21.63
CA SER B 55 -10.04 -5.38 22.71
C SER B 55 -11.49 -5.23 22.27
N GLY B 56 -11.74 -4.77 21.04
CA GLY B 56 -13.08 -4.60 20.53
C GLY B 56 -13.56 -3.17 20.48
N SER B 57 -12.81 -2.23 21.06
CA SER B 57 -13.21 -0.83 21.08
C SER B 57 -13.07 -0.22 19.70
N THR B 58 -14.04 0.62 19.32
CA THR B 58 -14.10 1.18 17.97
C THR B 58 -14.35 2.68 18.02
N ASN B 59 -13.94 3.35 16.93
CA ASN B 59 -14.29 4.73 16.65
C ASN B 59 -14.67 4.82 15.18
N TYR B 60 -15.82 5.42 14.88
CA TYR B 60 -16.31 5.50 13.52
C TYR B 60 -16.39 6.95 13.07
N ASN B 61 -16.24 7.15 11.76
CA ASN B 61 -16.50 8.46 11.17
C ASN B 61 -17.95 8.83 11.47
N PRO B 62 -18.21 9.98 12.08
CA PRO B 62 -19.60 10.31 12.47
C PRO B 62 -20.56 10.32 11.30
N SER B 63 -20.10 10.72 10.12
CA SER B 63 -20.99 10.80 8.98
C SER B 63 -21.42 9.42 8.48
N LEU B 64 -20.72 8.36 8.88
CA LEU B 64 -21.02 6.99 8.48
C LEU B 64 -21.44 6.10 9.65
N LYS B 65 -21.53 6.66 10.87
CA LYS B 65 -21.64 5.85 12.08
C LYS B 65 -22.83 4.88 12.04
N SER B 66 -23.97 5.32 11.51
CA SER B 66 -25.17 4.48 11.57
C SER B 66 -25.11 3.29 10.61
N ARG B 67 -24.18 3.26 9.66
CA ARG B 67 -24.12 2.19 8.68
C ARG B 67 -22.89 1.29 8.81
N VAL B 68 -21.94 1.63 9.67
CA VAL B 68 -20.63 1.00 9.69
C VAL B 68 -20.55 0.06 10.88
N THR B 69 -20.00 -1.14 10.65
CA THR B 69 -19.57 -2.04 11.70
C THR B 69 -18.18 -2.52 11.36
N ILE B 70 -17.27 -2.50 12.34
CA ILE B 70 -15.92 -3.04 12.20
C ILE B 70 -15.74 -4.10 13.27
N SER B 71 -15.18 -5.25 12.86
CA SER B 71 -15.02 -6.39 13.75
C SER B 71 -13.58 -6.88 13.70
N VAL B 72 -13.22 -7.66 14.71
CA VAL B 72 -11.92 -8.29 14.81
C VAL B 72 -12.12 -9.79 15.02
N ASP B 73 -11.34 -10.60 14.30
CA ASP B 73 -11.35 -12.05 14.46
C ASP B 73 -9.91 -12.50 14.70
N LYS B 74 -9.55 -12.67 15.97
CA LYS B 74 -8.17 -13.03 16.31
C LYS B 74 -7.82 -14.43 15.83
N SER B 75 -8.80 -15.34 15.77
CA SER B 75 -8.50 -16.71 15.36
C SER B 75 -7.98 -16.76 13.93
N LYS B 76 -8.46 -15.87 13.06
CA LYS B 76 -7.98 -15.77 11.69
C LYS B 76 -6.99 -14.62 11.50
N ASN B 77 -6.68 -13.87 12.56
CA ASN B 77 -5.81 -12.70 12.48
C ASN B 77 -6.31 -11.72 11.42
N GLN B 78 -7.60 -11.38 11.52
CA GLN B 78 -8.27 -10.52 10.56
C GLN B 78 -9.08 -9.46 11.29
N PHE B 79 -9.35 -8.36 10.58
CA PHE B 79 -10.41 -7.46 10.94
C PHE B 79 -11.23 -7.16 9.68
N SER B 80 -12.48 -6.75 9.88
CA SER B 80 -13.43 -6.70 8.78
C SER B 80 -14.27 -5.43 8.86
N LEU B 81 -14.96 -5.15 7.76
CA LEU B 81 -15.81 -3.97 7.63
C LEU B 81 -17.16 -4.40 7.08
N LYS B 82 -18.23 -3.89 7.66
CA LYS B 82 -19.57 -4.05 7.15
C LYS B 82 -20.18 -2.66 6.98
N LEU B 83 -20.63 -2.36 5.77
CA LEU B 83 -21.26 -1.08 5.45
C LEU B 83 -22.63 -1.38 4.85
N SER B 84 -23.69 -1.05 5.60
CA SER B 84 -25.04 -1.41 5.21
C SER B 84 -25.67 -0.31 4.35
N SER B 85 -26.75 -0.67 3.67
CA SER B 85 -27.53 0.24 2.83
C SER B 85 -26.63 1.03 1.88
N VAL B 86 -25.85 0.30 1.08
CA VAL B 86 -24.92 0.99 0.18
C VAL B 86 -25.70 1.75 -0.89
N THR B 87 -25.11 2.83 -1.36
CA THR B 87 -25.59 3.62 -2.49
C THR B 87 -24.41 3.88 -3.41
N ALA B 88 -24.68 4.54 -4.54
CA ALA B 88 -23.62 4.89 -5.48
C ALA B 88 -22.53 5.74 -4.82
N ALA B 89 -22.85 6.46 -3.75
CA ALA B 89 -21.85 7.27 -3.07
C ALA B 89 -20.79 6.42 -2.37
N ASP B 90 -21.01 5.12 -2.21
CA ASP B 90 -20.03 4.26 -1.56
C ASP B 90 -19.07 3.59 -2.55
N THR B 91 -19.23 3.84 -3.85
CA THR B 91 -18.26 3.37 -4.84
C THR B 91 -16.92 4.01 -4.59
N ALA B 92 -15.90 3.18 -4.35
CA ALA B 92 -14.60 3.71 -3.95
C ALA B 92 -13.59 2.57 -3.82
N VAL B 93 -12.33 2.96 -3.69
CA VAL B 93 -11.28 2.07 -3.21
C VAL B 93 -11.23 2.16 -1.69
N TYR B 94 -11.27 1.01 -1.03
CA TYR B 94 -11.32 0.86 0.43
C TYR B 94 -10.01 0.27 0.95
N TYR B 95 -9.15 1.10 1.52
CA TYR B 95 -7.91 0.56 2.09
C TYR B 95 -8.12 0.12 3.54
N CYS B 96 -7.41 -0.94 3.93
CA CYS B 96 -7.20 -1.24 5.33
C CYS B 96 -5.80 -0.80 5.73
N ALA B 97 -5.63 -0.44 6.99
CA ALA B 97 -4.38 0.16 7.42
C ALA B 97 -4.17 -0.07 8.91
N ARG B 98 -2.91 0.05 9.33
CA ARG B 98 -2.53 -0.03 10.73
C ARG B 98 -1.78 1.24 11.12
N GLY B 99 -2.05 1.72 12.33
CA GLY B 99 -1.37 2.90 12.81
C GLY B 99 -1.66 3.14 14.27
N SER B 100 -1.44 4.37 14.71
CA SER B 100 -1.61 4.78 16.10
C SER B 100 -0.86 3.83 17.04
N SER B 101 0.47 3.87 16.90
CA SER B 101 1.32 2.76 17.30
C SER B 101 1.36 2.53 18.81
N SER B 102 1.10 3.56 19.61
CA SER B 102 1.18 3.46 21.07
C SER B 102 2.61 3.30 21.59
N TRP B 103 3.47 2.62 20.84
CA TRP B 103 4.89 2.63 21.18
C TRP B 103 5.56 3.90 20.67
N TYR B 104 5.32 4.24 19.39
CA TYR B 104 5.92 5.42 18.81
C TYR B 104 4.96 5.92 17.73
N ASP B 105 4.25 7.01 18.03
CA ASP B 105 3.19 7.48 17.16
C ASP B 105 3.76 8.00 15.85
N LEU B 106 3.41 7.34 14.75
CA LEU B 106 3.70 7.83 13.41
C LEU B 106 2.45 8.29 12.69
N GLY B 107 1.33 8.42 13.40
CA GLY B 107 0.08 8.75 12.80
C GLY B 107 -0.85 7.55 12.73
N PRO B 108 -2.02 7.74 12.13
CA PRO B 108 -3.01 6.65 12.09
C PRO B 108 -2.77 5.63 11.00
N PHE B 109 -1.92 5.92 10.00
CA PHE B 109 -1.74 5.04 8.85
C PHE B 109 -0.25 4.85 8.59
N ASP B 110 0.35 3.92 9.34
CA ASP B 110 1.74 3.55 9.11
C ASP B 110 1.86 2.58 7.93
N TYR B 111 1.02 1.55 7.91
CA TYR B 111 1.06 0.52 6.88
C TYR B 111 -0.30 0.42 6.20
N TRP B 112 -0.29 0.19 4.90
CA TRP B 112 -1.51 0.17 4.09
C TRP B 112 -1.61 -1.14 3.33
N GLY B 113 -2.85 -1.57 3.09
CA GLY B 113 -3.14 -2.57 2.08
C GLY B 113 -3.02 -1.96 0.69
N GLN B 114 -3.28 -2.79 -0.31
CA GLN B 114 -3.14 -2.35 -1.69
C GLN B 114 -4.39 -1.66 -2.23
N GLY B 115 -5.57 -1.99 -1.70
CA GLY B 115 -6.80 -1.64 -2.36
C GLY B 115 -7.58 -2.81 -2.95
N THR B 116 -8.92 -2.65 -3.05
CA THR B 116 -9.77 -3.46 -3.94
C THR B 116 -11.04 -2.68 -4.34
N LEU B 117 -11.10 -2.19 -5.59
CA LEU B 117 -12.26 -1.40 -6.02
C LEU B 117 -13.61 -2.06 -5.67
N VAL B 118 -14.47 -1.32 -4.96
CA VAL B 118 -15.85 -1.76 -4.70
C VAL B 118 -16.77 -0.86 -5.50
N THR B 119 -17.57 -1.44 -6.39
CA THR B 119 -18.49 -0.67 -7.21
C THR B 119 -19.90 -0.95 -6.70
N VAL B 120 -20.61 0.10 -6.34
CA VAL B 120 -22.01 -0.01 -5.96
C VAL B 120 -22.83 0.39 -7.17
N SER B 121 -23.59 -0.56 -7.71
CA SER B 121 -24.37 -0.27 -8.90
C SER B 121 -25.53 -1.26 -8.99
N SER B 122 -26.42 -0.98 -9.94
CA SER B 122 -27.61 -1.76 -10.17
C SER B 122 -27.49 -2.67 -11.38
N ALA B 123 -26.46 -2.49 -12.20
CA ALA B 123 -26.23 -3.41 -13.30
C ALA B 123 -25.52 -4.65 -12.78
N SER B 124 -25.53 -5.71 -13.58
CA SER B 124 -25.02 -6.99 -13.11
C SER B 124 -23.59 -7.21 -13.61
N THR B 125 -22.88 -8.06 -12.86
CA THR B 125 -21.54 -8.47 -13.24
C THR B 125 -21.53 -9.07 -14.63
N LYS B 126 -20.47 -8.79 -15.38
CA LYS B 126 -20.26 -9.40 -16.68
C LYS B 126 -18.78 -9.70 -16.86
N GLY B 127 -18.47 -10.95 -17.19
CA GLY B 127 -17.11 -11.36 -17.43
C GLY B 127 -16.66 -10.96 -18.81
N PRO B 128 -15.35 -10.84 -19.00
CA PRO B 128 -14.82 -10.29 -20.25
C PRO B 128 -14.73 -11.33 -21.37
N SER B 129 -14.72 -10.82 -22.60
CA SER B 129 -14.32 -11.59 -23.77
C SER B 129 -12.92 -11.15 -24.16
N VAL B 130 -12.00 -12.10 -24.29
CA VAL B 130 -10.60 -11.82 -24.57
C VAL B 130 -10.30 -12.19 -26.01
N PHE B 131 -9.75 -11.24 -26.77
CA PHE B 131 -9.40 -11.46 -28.15
C PHE B 131 -7.94 -11.12 -28.39
N PRO B 132 -7.24 -11.90 -29.21
CA PRO B 132 -5.81 -11.63 -29.44
C PRO B 132 -5.60 -10.40 -30.32
N LEU B 133 -4.56 -9.64 -30.01
CA LEU B 133 -4.07 -8.57 -30.88
C LEU B 133 -2.79 -9.07 -31.53
N ALA B 134 -2.94 -9.74 -32.66
CA ALA B 134 -1.81 -10.42 -33.29
C ALA B 134 -0.85 -9.41 -33.91
N PRO B 135 0.46 -9.57 -33.72
CA PRO B 135 1.42 -8.69 -34.40
C PRO B 135 1.41 -8.96 -35.89
N SER B 136 1.17 -7.91 -36.67
CA SER B 136 1.13 -8.01 -38.12
C SER B 136 2.45 -7.54 -38.71
N SER B 137 2.63 -7.83 -40.00
CA SER B 137 3.86 -7.46 -40.69
C SER B 137 3.89 -5.96 -40.90
N LYS B 138 2.87 -5.27 -40.41
CA LYS B 138 2.81 -3.82 -40.38
C LYS B 138 3.12 -3.24 -39.00
N SER B 139 2.60 -3.86 -37.95
CA SER B 139 2.74 -3.37 -36.58
C SER B 139 4.09 -3.70 -35.96
N THR B 140 5.06 -4.19 -36.74
CA THR B 140 6.38 -4.41 -36.20
C THR B 140 7.17 -3.11 -36.20
N SER B 141 8.22 -3.07 -35.38
CA SER B 141 9.13 -1.93 -35.29
C SER B 141 10.57 -2.44 -35.37
N GLY B 142 10.90 -3.05 -36.51
CA GLY B 142 12.23 -3.59 -36.72
C GLY B 142 12.47 -4.87 -35.95
N GLY B 143 13.51 -4.90 -35.11
CA GLY B 143 13.78 -6.06 -34.30
C GLY B 143 12.77 -6.29 -33.19
N THR B 144 11.76 -5.43 -33.09
CA THR B 144 10.82 -5.43 -31.99
C THR B 144 9.40 -5.47 -32.56
N ALA B 145 8.50 -6.12 -31.84
CA ALA B 145 7.13 -6.26 -32.30
C ALA B 145 6.19 -6.15 -31.11
N ALA B 146 5.02 -5.59 -31.36
CA ALA B 146 3.99 -5.40 -30.33
C ALA B 146 2.84 -6.36 -30.57
N LEU B 147 2.47 -7.09 -29.52
CA LEU B 147 1.30 -7.97 -29.57
C LEU B 147 0.52 -7.78 -28.28
N GLY B 148 -0.74 -8.19 -28.29
CA GLY B 148 -1.54 -7.89 -27.13
C GLY B 148 -2.82 -8.68 -27.02
N CYS B 149 -3.64 -8.29 -26.04
CA CYS B 149 -4.94 -8.88 -25.79
C CYS B 149 -5.96 -7.77 -25.64
N LEU B 150 -7.07 -7.89 -26.36
CA LEU B 150 -8.21 -7.00 -26.18
C LEU B 150 -9.18 -7.64 -25.19
N VAL B 151 -9.47 -6.93 -24.10
CA VAL B 151 -10.33 -7.42 -23.03
C VAL B 151 -11.62 -6.62 -23.10
N LYS B 152 -12.69 -7.21 -23.62
CA LYS B 152 -13.86 -6.45 -24.03
C LYS B 152 -15.08 -6.71 -23.14
N ASP B 153 -15.80 -5.62 -22.83
CA ASP B 153 -17.18 -5.67 -22.34
C ASP B 153 -17.30 -6.45 -21.03
N TYR B 154 -16.68 -5.89 -19.99
CA TYR B 154 -16.72 -6.49 -18.66
C TYR B 154 -17.22 -5.46 -17.66
N PHE B 155 -17.75 -5.97 -16.53
CA PHE B 155 -18.24 -5.09 -15.48
C PHE B 155 -18.31 -5.87 -14.18
N PRO B 156 -17.88 -5.30 -13.05
CA PRO B 156 -17.22 -3.99 -12.97
C PRO B 156 -15.70 -4.09 -13.08
N GLU B 157 -15.02 -2.97 -12.87
CA GLU B 157 -13.58 -2.98 -12.77
C GLU B 157 -13.17 -3.68 -11.46
N PRO B 158 -11.91 -4.16 -11.36
CA PRO B 158 -10.86 -4.10 -12.38
C PRO B 158 -10.60 -5.41 -13.08
N VAL B 159 -9.83 -5.32 -14.15
CA VAL B 159 -9.21 -6.44 -14.81
C VAL B 159 -7.71 -6.24 -14.72
N THR B 160 -6.97 -7.27 -14.31
CA THR B 160 -5.52 -7.25 -14.36
C THR B 160 -5.03 -8.28 -15.38
N VAL B 161 -3.89 -7.98 -16.00
CA VAL B 161 -3.34 -8.79 -17.08
C VAL B 161 -1.86 -9.03 -16.81
N SER B 162 -1.45 -10.29 -16.89
CA SER B 162 -0.03 -10.64 -16.92
C SER B 162 0.26 -11.42 -18.20
N TRP B 163 1.53 -11.71 -18.43
CA TRP B 163 1.94 -12.39 -19.65
C TRP B 163 2.83 -13.57 -19.30
N ASN B 164 2.56 -14.71 -19.98
CA ASN B 164 3.28 -15.96 -19.76
C ASN B 164 3.40 -16.28 -18.27
N SER B 165 2.31 -16.01 -17.54
CA SER B 165 2.19 -16.34 -16.12
C SER B 165 3.25 -15.62 -15.27
N GLY B 166 3.57 -14.38 -15.66
CA GLY B 166 4.48 -13.54 -14.91
C GLY B 166 5.92 -13.62 -15.35
N ALA B 167 6.30 -14.63 -16.12
CA ALA B 167 7.68 -14.73 -16.60
C ALA B 167 8.05 -13.59 -17.52
N LEU B 168 7.07 -12.93 -18.13
CA LEU B 168 7.29 -11.86 -19.09
C LEU B 168 6.86 -10.54 -18.43
N THR B 169 7.83 -9.80 -17.91
CA THR B 169 7.58 -8.56 -17.18
C THR B 169 7.99 -7.33 -17.96
N SER B 170 9.18 -7.36 -18.58
CA SER B 170 9.66 -6.20 -19.31
C SER B 170 8.88 -6.02 -20.61
N GLY B 171 8.59 -4.75 -20.93
CA GLY B 171 7.86 -4.43 -22.14
C GLY B 171 6.35 -4.49 -22.03
N VAL B 172 5.80 -4.79 -20.86
CA VAL B 172 4.37 -4.92 -20.69
C VAL B 172 3.77 -3.55 -20.42
N HIS B 173 2.66 -3.24 -21.10
CA HIS B 173 1.91 -2.02 -20.85
C HIS B 173 0.43 -2.33 -20.94
N THR B 174 -0.25 -2.34 -19.79
CA THR B 174 -1.69 -2.49 -19.73
C THR B 174 -2.32 -1.10 -19.64
N PHE B 175 -3.24 -0.81 -20.56
CA PHE B 175 -3.78 0.53 -20.64
C PHE B 175 -4.99 0.71 -19.74
N PRO B 176 -5.25 1.92 -19.25
CA PRO B 176 -6.48 2.17 -18.50
C PRO B 176 -7.69 1.80 -19.34
N ALA B 177 -8.73 1.31 -18.67
CA ALA B 177 -9.91 0.86 -19.37
C ALA B 177 -10.73 2.04 -19.88
N VAL B 178 -11.51 1.79 -20.92
CA VAL B 178 -12.49 2.75 -21.42
C VAL B 178 -13.86 2.33 -20.91
N LEU B 179 -14.63 3.31 -20.45
CA LEU B 179 -16.01 3.06 -20.04
C LEU B 179 -16.90 3.39 -21.22
N GLN B 180 -17.46 2.35 -21.85
CA GLN B 180 -18.32 2.55 -23.00
C GLN B 180 -19.68 3.08 -22.54
N SER B 181 -20.42 3.65 -23.50
CA SER B 181 -21.73 4.20 -23.20
C SER B 181 -22.74 3.14 -22.79
N SER B 182 -22.43 1.86 -22.99
CA SER B 182 -23.28 0.77 -22.53
C SER B 182 -23.11 0.45 -21.04
N GLY B 183 -22.21 1.14 -20.35
CA GLY B 183 -21.89 0.82 -18.98
C GLY B 183 -20.86 -0.27 -18.81
N LEU B 184 -20.33 -0.82 -19.90
CA LEU B 184 -19.33 -1.88 -19.87
C LEU B 184 -17.95 -1.30 -20.15
N TYR B 185 -16.93 -1.94 -19.56
CA TYR B 185 -15.55 -1.53 -19.73
C TYR B 185 -14.85 -2.38 -20.79
N SER B 186 -13.77 -1.83 -21.33
CA SER B 186 -12.85 -2.55 -22.21
C SER B 186 -11.46 -1.99 -22.01
N LEU B 187 -10.45 -2.87 -22.09
CA LEU B 187 -9.07 -2.42 -22.06
C LEU B 187 -8.25 -3.28 -23.02
N SER B 188 -7.02 -2.84 -23.24
CA SER B 188 -6.04 -3.62 -23.97
C SER B 188 -4.76 -3.71 -23.14
N SER B 189 -4.07 -4.83 -23.26
CA SER B 189 -2.73 -5.00 -22.72
C SER B 189 -1.82 -5.39 -23.86
N VAL B 190 -0.64 -4.79 -23.90
CA VAL B 190 0.29 -4.99 -24.99
C VAL B 190 1.67 -5.28 -24.41
N VAL B 191 2.44 -6.08 -25.13
CA VAL B 191 3.81 -6.38 -24.75
C VAL B 191 4.67 -6.32 -26.01
N THR B 192 5.87 -5.77 -25.87
CA THR B 192 6.80 -5.70 -26.98
C THR B 192 7.82 -6.82 -26.85
N VAL B 193 7.98 -7.60 -27.91
CA VAL B 193 8.86 -8.76 -27.91
C VAL B 193 9.75 -8.70 -29.15
N PRO B 194 10.87 -9.41 -29.14
CA PRO B 194 11.69 -9.49 -30.35
C PRO B 194 10.90 -10.15 -31.48
N SER B 195 10.88 -9.48 -32.64
CA SER B 195 10.17 -10.01 -33.80
C SER B 195 10.80 -11.29 -34.35
N SER B 196 12.01 -11.63 -33.91
CA SER B 196 12.66 -12.88 -34.32
C SER B 196 12.21 -14.08 -33.49
N SER B 197 11.33 -13.88 -32.52
CA SER B 197 10.83 -14.96 -31.69
C SER B 197 9.35 -15.22 -31.90
N LEU B 198 8.74 -14.64 -32.93
CA LEU B 198 7.31 -14.80 -33.15
C LEU B 198 6.95 -16.19 -33.65
N GLY B 199 7.88 -16.89 -34.31
CA GLY B 199 7.62 -18.26 -34.71
C GLY B 199 8.00 -19.25 -33.63
N THR B 200 8.98 -18.87 -32.81
CA THR B 200 9.50 -19.76 -31.77
C THR B 200 8.67 -19.67 -30.49
N GLN B 201 8.68 -18.50 -29.86
CA GLN B 201 8.16 -18.35 -28.50
C GLN B 201 6.64 -18.28 -28.48
N THR B 202 6.05 -18.91 -27.47
CA THR B 202 4.63 -18.83 -27.21
C THR B 202 4.34 -17.64 -26.31
N TYR B 203 3.26 -16.91 -26.62
CA TYR B 203 2.86 -15.77 -25.82
C TYR B 203 1.40 -15.95 -25.41
N ILE B 204 1.16 -15.94 -24.10
CA ILE B 204 -0.17 -16.11 -23.52
C ILE B 204 -0.40 -14.97 -22.53
N CYS B 205 -1.50 -14.26 -22.70
CA CYS B 205 -1.89 -13.24 -21.73
C CYS B 205 -2.84 -13.87 -20.71
N ASN B 206 -2.58 -13.57 -19.44
CA ASN B 206 -3.38 -14.08 -18.34
C ASN B 206 -4.28 -12.95 -17.85
N VAL B 207 -5.56 -13.04 -18.17
CA VAL B 207 -6.54 -12.01 -17.82
C VAL B 207 -7.30 -12.47 -16.59
N ASN B 208 -7.33 -11.64 -15.56
CA ASN B 208 -8.00 -11.96 -14.31
C ASN B 208 -9.09 -10.93 -14.05
N HIS B 209 -10.33 -11.42 -13.88
CA HIS B 209 -11.47 -10.56 -13.53
C HIS B 209 -12.09 -11.11 -12.24
N LYS B 210 -11.58 -10.64 -11.10
CA LYS B 210 -12.09 -11.12 -9.81
C LYS B 210 -13.59 -10.91 -9.61
N PRO B 211 -14.20 -9.79 -10.00
CA PRO B 211 -15.64 -9.64 -9.76
C PRO B 211 -16.51 -10.76 -10.34
N SER B 212 -16.11 -11.38 -11.45
CA SER B 212 -16.85 -12.51 -11.98
C SER B 212 -16.16 -13.84 -11.76
N ASN B 213 -15.09 -13.86 -10.95
CA ASN B 213 -14.33 -15.08 -10.67
C ASN B 213 -13.90 -15.77 -11.96
N THR B 214 -13.34 -15.00 -12.88
CA THR B 214 -12.96 -15.51 -14.19
C THR B 214 -11.49 -15.25 -14.47
N LYS B 215 -10.80 -16.28 -14.96
CA LYS B 215 -9.45 -16.17 -15.48
C LYS B 215 -9.45 -16.72 -16.91
N VAL B 216 -8.83 -15.98 -17.82
CA VAL B 216 -8.70 -16.40 -19.21
C VAL B 216 -7.22 -16.34 -19.59
N ASP B 217 -6.68 -17.45 -20.07
CA ASP B 217 -5.34 -17.50 -20.65
C ASP B 217 -5.51 -17.61 -22.16
N LYS B 218 -5.10 -16.57 -22.89
CA LYS B 218 -5.35 -16.47 -24.32
C LYS B 218 -4.03 -16.56 -25.08
N LYS B 219 -3.90 -17.59 -25.90
CA LYS B 219 -2.74 -17.73 -26.77
C LYS B 219 -2.80 -16.68 -27.87
N VAL B 220 -1.73 -15.90 -28.00
CA VAL B 220 -1.62 -14.88 -29.03
C VAL B 220 -0.57 -15.35 -30.03
N GLU B 221 -1.01 -15.77 -31.20
CA GLU B 221 -0.11 -16.35 -32.18
C GLU B 221 -0.03 -15.48 -33.42
N PRO B 222 1.04 -15.62 -34.22
CA PRO B 222 1.18 -14.81 -35.43
C PRO B 222 -0.02 -14.93 -36.36
N LYS B 223 -0.21 -13.89 -37.15
CA LYS B 223 -1.43 -13.71 -37.92
C LYS B 223 -1.41 -14.54 -39.19
N SER B 224 -2.58 -15.09 -39.56
CA SER B 224 -2.65 -16.03 -40.66
C SER B 224 -4.00 -15.90 -41.38
N CYS B 225 -3.96 -15.86 -42.70
CA CYS B 225 -5.14 -15.69 -43.53
C CYS B 225 -6.00 -16.95 -43.62
N SER C 1 -14.28 16.82 2.46
CA SER C 1 -13.15 16.86 3.38
C SER C 1 -13.34 17.96 4.43
N VAL C 2 -12.89 17.70 5.65
CA VAL C 2 -13.07 18.66 6.73
C VAL C 2 -11.97 19.71 6.72
N LEU C 3 -10.74 19.29 6.44
CA LEU C 3 -9.63 20.22 6.24
C LEU C 3 -9.68 20.77 4.81
N THR C 4 -8.93 21.86 4.59
CA THR C 4 -8.96 22.53 3.30
C THR C 4 -7.55 22.65 2.74
N GLN C 5 -7.37 22.15 1.51
CA GLN C 5 -6.16 22.30 0.72
C GLN C 5 -6.54 22.79 -0.67
N PRO C 6 -5.65 23.53 -1.33
CA PRO C 6 -5.84 23.82 -2.75
C PRO C 6 -5.82 22.53 -3.56
N PRO C 7 -6.66 22.42 -4.60
CA PRO C 7 -6.70 21.17 -5.37
C PRO C 7 -5.44 20.92 -6.18
N SER C 8 -4.68 21.96 -6.50
CA SER C 8 -3.52 21.79 -7.35
C SER C 8 -2.43 22.77 -6.92
N ALA C 9 -1.20 22.42 -7.25
CA ALA C 9 -0.04 23.28 -7.05
C ALA C 9 0.92 23.08 -8.21
N SER C 10 1.72 24.11 -8.49
CA SER C 10 2.63 24.09 -9.62
C SER C 10 4.02 24.54 -9.17
N GLY C 11 5.01 24.05 -9.91
CA GLY C 11 6.39 24.49 -9.68
C GLY C 11 7.32 24.07 -10.80
N THR C 12 8.21 24.98 -11.21
CA THR C 12 9.27 24.61 -12.13
C THR C 12 10.37 23.86 -11.38
N PRO C 13 11.12 22.99 -12.05
CA PRO C 13 12.09 22.15 -11.32
C PRO C 13 13.16 23.01 -10.65
N GLY C 14 13.56 22.58 -9.45
CA GLY C 14 14.55 23.27 -8.67
C GLY C 14 14.00 24.27 -7.67
N GLN C 15 12.79 24.78 -7.88
CA GLN C 15 12.23 25.83 -7.04
C GLN C 15 11.43 25.22 -5.89
N ARG C 16 11.08 26.07 -4.92
CA ARG C 16 10.40 25.66 -3.71
C ARG C 16 8.89 25.87 -3.85
N VAL C 17 8.12 24.86 -3.45
CA VAL C 17 6.66 24.88 -3.56
C VAL C 17 6.06 24.65 -2.19
N THR C 18 4.92 25.30 -1.94
CA THR C 18 4.24 25.24 -0.65
C THR C 18 2.82 24.72 -0.84
N ILE C 19 2.38 23.87 0.09
CA ILE C 19 1.04 23.30 0.09
C ILE C 19 0.42 23.56 1.46
N SER C 20 -0.67 24.31 1.49
CA SER C 20 -1.30 24.69 2.75
C SER C 20 -2.43 23.73 3.10
N CYS C 21 -2.84 23.80 4.37
CA CYS C 21 -3.88 22.94 4.92
C CYS C 21 -4.55 23.72 6.05
N SER C 22 -5.81 24.09 5.87
CA SER C 22 -6.52 24.94 6.82
C SER C 22 -7.50 24.11 7.64
N GLY C 23 -7.46 24.28 8.95
CA GLY C 23 -8.34 23.61 9.87
C GLY C 23 -8.99 24.57 10.83
N SER C 24 -9.38 24.04 11.99
CA SER C 24 -10.05 24.83 13.02
C SER C 24 -9.50 24.39 14.36
N SER C 25 -10.05 24.94 15.45
CA SER C 25 -9.53 24.62 16.77
C SER C 25 -9.78 23.16 17.14
N SER C 26 -10.81 22.53 16.58
CA SER C 26 -11.10 21.14 16.93
C SER C 26 -10.00 20.20 16.46
N ASN C 27 -9.44 20.44 15.26
CA ASN C 27 -8.52 19.49 14.65
C ASN C 27 -7.11 20.05 14.68
N ILE C 28 -6.71 20.87 13.70
CA ILE C 28 -5.32 21.32 13.62
C ILE C 28 -4.93 22.17 14.83
N GLY C 29 -5.87 22.97 15.34
CA GLY C 29 -5.56 23.81 16.48
C GLY C 29 -5.25 23.03 17.75
N SER C 30 -5.79 21.82 17.87
CA SER C 30 -5.64 21.01 19.06
C SER C 30 -4.75 19.79 18.88
N ASN C 31 -4.42 19.40 17.65
CA ASN C 31 -3.82 18.09 17.42
C ASN C 31 -2.74 18.17 16.36
N TYR C 32 -1.89 17.13 16.36
CA TYR C 32 -0.81 17.01 15.40
C TYR C 32 -1.35 16.85 13.98
N VAL C 33 -0.53 17.22 13.02
CA VAL C 33 -0.85 17.10 11.60
C VAL C 33 0.09 16.06 10.98
N TYR C 34 -0.44 15.26 10.08
CA TYR C 34 0.34 14.27 9.35
C TYR C 34 0.10 14.47 7.87
N TRP C 35 1.15 14.27 7.07
CA TRP C 35 1.08 14.43 5.63
C TRP C 35 1.34 13.10 4.94
N TYR C 36 0.62 12.84 3.86
CA TYR C 36 0.75 11.61 3.10
C TYR C 36 0.92 11.94 1.62
N GLN C 37 1.76 11.14 0.95
CA GLN C 37 2.02 11.26 -0.47
C GLN C 37 1.45 10.04 -1.18
N GLN C 38 0.71 10.28 -2.27
CA GLN C 38 0.09 9.21 -3.03
C GLN C 38 0.48 9.33 -4.49
N LEU C 39 1.18 8.33 -5.01
CA LEU C 39 1.48 8.18 -6.41
C LEU C 39 0.32 7.50 -7.12
N PRO C 40 0.18 7.70 -8.43
CA PRO C 40 -0.94 7.10 -9.16
C PRO C 40 -0.97 5.58 -9.02
N GLY C 41 -2.14 5.06 -8.65
CA GLY C 41 -2.36 3.63 -8.56
C GLY C 41 -1.91 2.97 -7.28
N THR C 42 -1.30 3.69 -6.35
CA THR C 42 -0.74 3.08 -5.15
C THR C 42 -1.40 3.67 -3.90
N ALA C 43 -1.23 2.97 -2.79
CA ALA C 43 -1.75 3.46 -1.52
C ALA C 43 -0.92 4.64 -1.02
N PRO C 44 -1.52 5.53 -0.24
CA PRO C 44 -0.77 6.67 0.31
C PRO C 44 0.39 6.20 1.18
N LYS C 45 1.36 7.10 1.34
CA LYS C 45 2.57 6.82 2.10
C LYS C 45 2.85 7.97 3.05
N LEU C 46 3.16 7.64 4.31
CA LEU C 46 3.46 8.67 5.30
C LEU C 46 4.64 9.51 4.86
N LEU C 47 4.46 10.82 4.88
CA LEU C 47 5.47 11.78 4.44
C LEU C 47 6.00 12.66 5.56
N ILE C 48 5.11 13.15 6.42
CA ILE C 48 5.46 13.97 7.58
C ILE C 48 4.56 13.55 8.74
N TYR C 49 5.14 13.36 9.92
CA TYR C 49 4.36 13.03 11.11
C TYR C 49 4.68 14.01 12.23
N ARG C 50 3.66 14.28 13.05
CA ARG C 50 3.78 15.20 14.19
C ARG C 50 4.27 16.58 13.75
N ASN C 51 3.56 17.13 12.77
CA ASN C 51 3.78 18.47 12.22
C ASN C 51 5.01 18.57 11.33
N ASN C 52 6.15 18.04 11.77
CA ASN C 52 7.38 18.35 11.05
C ASN C 52 8.45 17.26 11.06
N GLN C 53 8.16 16.04 11.51
CA GLN C 53 9.17 15.00 11.54
C GLN C 53 9.07 14.11 10.31
N ARG C 54 10.22 13.62 9.85
CA ARG C 54 10.29 12.86 8.61
C ARG C 54 10.57 11.38 8.87
N PRO C 55 9.87 10.48 8.18
CA PRO C 55 10.25 9.07 8.21
C PRO C 55 11.37 8.75 7.24
N SER C 56 11.69 7.46 7.08
CA SER C 56 12.84 7.04 6.30
C SER C 56 12.54 7.10 4.81
N GLY C 57 13.56 7.41 4.02
CA GLY C 57 13.38 7.60 2.61
C GLY C 57 12.75 8.92 2.22
N VAL C 58 12.34 9.73 3.20
CA VAL C 58 11.79 11.05 2.93
C VAL C 58 12.96 12.04 3.00
N PRO C 59 13.38 12.62 1.87
CA PRO C 59 14.62 13.41 1.87
C PRO C 59 14.53 14.73 2.61
N ASP C 60 15.65 15.45 2.62
CA ASP C 60 15.77 16.69 3.39
C ASP C 60 14.77 17.74 2.92
N ARG C 61 14.51 17.77 1.60
CA ARG C 61 13.77 18.87 0.97
C ARG C 61 12.28 18.84 1.26
N PHE C 62 11.78 17.84 1.99
CA PHE C 62 10.40 17.83 2.46
C PHE C 62 10.37 18.31 3.90
N SER C 63 9.56 19.33 4.17
CA SER C 63 9.46 19.87 5.52
C SER C 63 8.03 20.32 5.79
N GLY C 64 7.62 20.21 7.04
CA GLY C 64 6.29 20.62 7.44
C GLY C 64 6.35 21.58 8.61
N SER C 65 5.24 22.27 8.83
CA SER C 65 5.12 23.18 9.96
C SER C 65 3.65 23.40 10.25
N LYS C 66 3.36 23.84 11.47
CA LYS C 66 2.01 24.06 11.93
C LYS C 66 1.96 25.34 12.75
N SER C 67 1.01 26.22 12.43
CA SER C 67 0.83 27.47 13.14
C SER C 67 -0.66 27.71 13.34
N GLY C 68 -1.09 27.73 14.59
CA GLY C 68 -2.49 28.02 14.87
C GLY C 68 -3.36 26.86 14.38
N THR C 69 -4.36 27.18 13.56
CA THR C 69 -5.27 26.21 12.98
C THR C 69 -4.88 25.84 11.55
N SER C 70 -3.61 26.04 11.20
CA SER C 70 -3.16 25.95 9.82
C SER C 70 -1.86 25.16 9.76
N ALA C 71 -1.64 24.50 8.63
CA ALA C 71 -0.44 23.69 8.43
C ALA C 71 0.07 23.89 7.02
N SER C 72 1.34 23.57 6.81
CA SER C 72 1.97 23.85 5.53
C SER C 72 3.01 22.77 5.21
N LEU C 73 3.03 22.33 3.96
CA LEU C 73 4.05 21.41 3.46
C LEU C 73 4.93 22.14 2.45
N ALA C 74 6.24 22.06 2.65
CA ALA C 74 7.20 22.74 1.79
C ALA C 74 8.11 21.73 1.13
N ILE C 75 8.27 21.84 -0.18
CA ILE C 75 9.15 21.00 -0.97
C ILE C 75 10.12 21.95 -1.68
N SER C 76 11.40 21.86 -1.33
CA SER C 76 12.40 22.80 -1.87
C SER C 76 13.03 22.26 -3.14
N GLY C 77 13.92 21.27 -3.01
CA GLY C 77 14.56 20.69 -4.17
C GLY C 77 13.57 19.96 -5.06
N LEU C 78 12.82 20.70 -5.87
CA LEU C 78 11.69 20.11 -6.60
C LEU C 78 12.20 19.26 -7.76
N ARG C 79 11.95 17.96 -7.69
CA ARG C 79 12.27 17.02 -8.74
C ARG C 79 11.01 16.57 -9.46
N SER C 80 11.19 15.96 -10.63
CA SER C 80 10.07 15.48 -11.41
C SER C 80 9.37 14.32 -10.72
N GLU C 81 10.08 13.57 -9.88
CA GLU C 81 9.50 12.46 -9.15
C GLU C 81 8.59 12.90 -8.02
N ASP C 82 8.49 14.20 -7.75
CA ASP C 82 7.60 14.71 -6.73
C ASP C 82 6.17 14.92 -7.23
N GLU C 83 5.91 14.72 -8.53
CA GLU C 83 4.55 14.78 -9.02
C GLU C 83 3.72 13.70 -8.34
N ALA C 84 2.72 14.12 -7.57
CA ALA C 84 1.95 13.22 -6.72
C ALA C 84 0.82 14.01 -6.10
N ASP C 85 -0.06 13.29 -5.40
CA ASP C 85 -1.12 13.88 -4.61
C ASP C 85 -0.71 13.90 -3.14
N TYR C 86 -0.96 15.01 -2.48
CA TYR C 86 -0.55 15.22 -1.10
C TYR C 86 -1.77 15.47 -0.23
N TYR C 87 -1.82 14.82 0.94
CA TYR C 87 -2.95 14.91 1.85
C TYR C 87 -2.45 15.23 3.25
N CYS C 88 -3.13 16.15 3.92
CA CYS C 88 -2.94 16.38 5.34
C CYS C 88 -4.04 15.67 6.12
N ALA C 89 -3.72 15.26 7.35
CA ALA C 89 -4.66 14.56 8.21
C ALA C 89 -4.44 14.97 9.65
N ALA C 90 -5.52 14.95 10.43
CA ALA C 90 -5.45 15.30 11.85
C ALA C 90 -6.67 14.74 12.56
N TRP C 91 -6.55 14.56 13.87
CA TRP C 91 -7.68 14.15 14.68
C TRP C 91 -8.56 15.35 15.00
N ASP C 92 -9.87 15.16 14.94
CA ASP C 92 -10.83 16.22 15.21
C ASP C 92 -11.57 15.89 16.50
N GLU C 93 -11.38 16.74 17.53
CA GLU C 93 -11.98 16.50 18.84
C GLU C 93 -13.50 16.62 18.80
N ARG C 94 -14.04 17.52 17.97
CA ARG C 94 -15.48 17.73 17.95
C ARG C 94 -16.19 16.58 17.25
N LEU C 95 -15.58 16.01 16.21
CA LEU C 95 -16.15 14.87 15.50
C LEU C 95 -15.71 13.52 16.05
N SER C 96 -14.69 13.48 16.90
CA SER C 96 -14.10 12.22 17.35
C SER C 96 -13.78 11.32 16.16
N GLY C 97 -13.03 11.87 15.21
CA GLY C 97 -12.69 11.13 14.01
C GLY C 97 -11.47 11.72 13.35
N TRP C 98 -10.81 10.90 12.53
CA TRP C 98 -9.72 11.38 11.70
C TRP C 98 -10.29 12.10 10.49
N VAL C 99 -9.73 13.28 10.19
CA VAL C 99 -10.22 14.08 9.09
C VAL C 99 -9.07 14.32 8.12
N PHE C 100 -9.42 14.49 6.85
CA PHE C 100 -8.47 14.72 5.79
C PHE C 100 -8.75 16.05 5.11
N GLY C 101 -7.71 16.61 4.49
CA GLY C 101 -7.92 17.62 3.46
C GLY C 101 -8.31 16.96 2.16
N GLY C 102 -8.80 17.77 1.23
CA GLY C 102 -9.24 17.25 -0.07
C GLY C 102 -8.12 16.75 -0.96
N GLY C 103 -6.87 17.05 -0.63
CA GLY C 103 -5.74 16.61 -1.43
C GLY C 103 -5.26 17.65 -2.42
N THR C 104 -3.95 17.67 -2.68
CA THR C 104 -3.37 18.60 -3.64
C THR C 104 -2.56 17.82 -4.66
N LYS C 105 -2.89 17.99 -5.93
CA LYS C 105 -2.10 17.39 -7.00
C LYS C 105 -0.96 18.36 -7.36
N LEU C 106 0.27 17.92 -7.13
CA LEU C 106 1.44 18.73 -7.44
C LEU C 106 1.91 18.42 -8.86
N THR C 107 2.07 19.48 -9.65
CA THR C 107 2.55 19.37 -11.03
C THR C 107 3.90 20.05 -11.15
N VAL C 108 4.88 19.33 -11.71
CA VAL C 108 6.21 19.87 -11.97
C VAL C 108 6.25 20.35 -13.41
N LEU C 109 6.35 21.67 -13.58
CA LEU C 109 6.23 22.28 -14.90
C LEU C 109 7.55 22.20 -15.66
N GLY C 110 7.49 22.56 -16.95
CA GLY C 110 8.70 22.64 -17.75
C GLY C 110 9.26 21.33 -18.24
N GLN C 111 8.50 20.24 -18.13
CA GLN C 111 8.99 18.96 -18.63
C GLN C 111 8.97 18.94 -20.15
N PRO C 112 9.92 18.24 -20.77
CA PRO C 112 10.05 18.30 -22.23
C PRO C 112 8.88 17.66 -22.95
N LYS C 113 8.59 18.17 -24.14
CA LYS C 113 7.55 17.58 -24.97
C LYS C 113 8.00 16.24 -25.51
N ALA C 114 7.05 15.33 -25.64
CA ALA C 114 7.31 14.00 -26.20
C ALA C 114 6.15 13.62 -27.11
N ALA C 115 6.46 13.17 -28.31
CA ALA C 115 5.47 12.74 -29.26
C ALA C 115 4.94 11.35 -28.90
N PRO C 116 3.67 11.08 -29.18
CA PRO C 116 3.11 9.77 -28.82
C PRO C 116 3.54 8.68 -29.78
N SER C 117 3.76 7.49 -29.22
CA SER C 117 3.79 6.28 -30.01
C SER C 117 2.36 5.84 -30.26
N VAL C 118 2.10 5.33 -31.46
CA VAL C 118 0.74 4.93 -31.84
C VAL C 118 0.79 3.55 -32.47
N THR C 119 -0.02 2.64 -31.93
CA THR C 119 -0.19 1.30 -32.46
C THR C 119 -1.66 1.08 -32.76
N LEU C 120 -1.96 0.66 -33.99
CA LEU C 120 -3.33 0.41 -34.42
C LEU C 120 -3.49 -1.07 -34.72
N PHE C 121 -4.52 -1.69 -34.17
CA PHE C 121 -4.79 -3.09 -34.37
C PHE C 121 -6.11 -3.30 -35.09
N PRO C 122 -6.16 -4.14 -36.11
CA PRO C 122 -7.44 -4.45 -36.76
C PRO C 122 -8.23 -5.46 -35.93
N PRO C 123 -9.49 -5.73 -36.30
CA PRO C 123 -10.23 -6.79 -35.61
C PRO C 123 -9.58 -8.14 -35.83
N SER C 124 -9.52 -8.93 -34.75
CA SER C 124 -9.04 -10.30 -34.87
C SER C 124 -10.05 -11.14 -35.65
N SER C 125 -9.54 -12.15 -36.35
CA SER C 125 -10.45 -13.07 -37.03
C SER C 125 -11.42 -13.69 -36.04
N GLU C 126 -10.96 -13.96 -34.83
CA GLU C 126 -11.80 -14.57 -33.80
C GLU C 126 -12.98 -13.66 -33.44
N GLU C 127 -12.75 -12.35 -33.33
CA GLU C 127 -13.84 -11.44 -33.02
C GLU C 127 -14.82 -11.35 -34.19
N LEU C 128 -14.30 -11.41 -35.43
CA LEU C 128 -15.17 -11.40 -36.59
C LEU C 128 -16.08 -12.62 -36.62
N GLN C 129 -15.59 -13.79 -36.18
CA GLN C 129 -16.46 -14.96 -36.10
C GLN C 129 -17.66 -14.69 -35.22
N ALA C 130 -17.47 -13.96 -34.13
CA ALA C 130 -18.54 -13.59 -33.20
C ALA C 130 -19.39 -12.44 -33.70
N ASN C 131 -19.27 -12.08 -34.98
CA ASN C 131 -20.04 -11.01 -35.60
C ASN C 131 -19.82 -9.66 -34.91
N LYS C 132 -18.58 -9.43 -34.48
CA LYS C 132 -18.18 -8.15 -33.90
C LYS C 132 -16.88 -7.70 -34.55
N ALA C 133 -16.58 -6.41 -34.42
CA ALA C 133 -15.37 -5.84 -34.99
C ALA C 133 -14.99 -4.61 -34.20
N THR C 134 -13.82 -4.65 -33.57
CA THR C 134 -13.29 -3.52 -32.82
C THR C 134 -11.91 -3.18 -33.34
N LEU C 135 -11.70 -1.91 -33.67
CA LEU C 135 -10.37 -1.38 -33.98
C LEU C 135 -9.79 -0.74 -32.72
N VAL C 136 -8.52 -1.02 -32.45
CA VAL C 136 -7.88 -0.63 -31.21
C VAL C 136 -6.70 0.27 -31.54
N CYS C 137 -6.71 1.49 -31.01
CA CYS C 137 -5.67 2.47 -31.27
C CYS C 137 -5.03 2.85 -29.93
N LEU C 138 -3.77 2.45 -29.75
CA LEU C 138 -3.06 2.63 -28.49
C LEU C 138 -2.05 3.75 -28.64
N ILE C 139 -2.04 4.66 -27.66
CA ILE C 139 -1.29 5.91 -27.74
C ILE C 139 -0.57 6.09 -26.42
N SER C 140 0.76 6.13 -26.46
CA SER C 140 1.52 6.14 -25.22
C SER C 140 2.72 7.08 -25.29
N ASP C 141 3.27 7.38 -24.10
CA ASP C 141 4.57 8.04 -23.93
C ASP C 141 4.58 9.47 -24.47
N PHE C 142 3.47 10.18 -24.39
CA PHE C 142 3.42 11.56 -24.84
C PHE C 142 3.35 12.50 -23.64
N TYR C 143 4.09 13.61 -23.72
CA TYR C 143 3.85 14.63 -22.72
C TYR C 143 2.83 15.60 -23.31
N PRO C 144 2.80 16.89 -22.92
CA PRO C 144 1.51 17.52 -22.57
C PRO C 144 0.33 16.57 -22.68
N GLY C 145 -0.11 16.03 -21.54
CA GLY C 145 -1.18 15.06 -21.51
C GLY C 145 -2.47 15.48 -22.16
N ALA C 146 -2.39 15.88 -23.43
CA ALA C 146 -3.55 16.27 -24.22
C ALA C 146 -3.34 15.78 -25.65
N VAL C 147 -4.29 15.00 -26.15
CA VAL C 147 -4.30 14.57 -27.54
C VAL C 147 -5.73 14.64 -28.04
N THR C 148 -5.87 14.71 -29.36
CA THR C 148 -7.16 14.47 -29.99
C THR C 148 -7.01 13.33 -30.96
N VAL C 149 -8.02 12.46 -31.01
CA VAL C 149 -8.02 11.28 -31.86
C VAL C 149 -9.18 11.41 -32.83
N ALA C 150 -8.87 11.26 -34.12
CA ALA C 150 -9.89 11.23 -35.16
C ALA C 150 -9.78 9.92 -35.91
N TRP C 151 -10.93 9.33 -36.21
CA TRP C 151 -10.99 8.10 -36.99
C TRP C 151 -11.50 8.42 -38.39
N LYS C 152 -10.98 7.67 -39.36
CA LYS C 152 -11.35 7.84 -40.76
C LYS C 152 -11.75 6.50 -41.35
N ALA C 153 -12.96 6.42 -41.89
CA ALA C 153 -13.36 5.31 -42.75
C ALA C 153 -12.99 5.71 -44.18
N ASP C 154 -11.99 5.03 -44.74
CA ASP C 154 -11.33 5.49 -45.96
C ASP C 154 -10.82 6.91 -45.76
N SER C 155 -11.43 7.87 -46.45
CA SER C 155 -11.10 9.28 -46.27
C SER C 155 -12.12 10.04 -45.44
N SER C 156 -13.33 9.51 -45.31
CA SER C 156 -14.39 10.22 -44.60
C SER C 156 -14.25 10.04 -43.10
N PRO C 157 -14.41 11.12 -42.33
CA PRO C 157 -14.37 10.99 -40.87
C PRO C 157 -15.57 10.22 -40.34
N VAL C 158 -15.33 9.38 -39.35
CA VAL C 158 -16.36 8.57 -38.70
C VAL C 158 -16.35 8.90 -37.22
N LYS C 159 -17.51 9.31 -36.69
CA LYS C 159 -17.63 9.63 -35.27
C LYS C 159 -18.48 8.63 -34.50
N ALA C 160 -19.41 7.94 -35.15
CA ALA C 160 -20.22 6.95 -34.47
C ALA C 160 -19.39 5.70 -34.19
N GLY C 161 -19.55 5.15 -32.97
CA GLY C 161 -18.83 3.98 -32.55
C GLY C 161 -17.46 4.24 -31.97
N VAL C 162 -17.11 5.50 -31.69
CA VAL C 162 -15.79 5.86 -31.18
C VAL C 162 -15.88 6.04 -29.67
N GLU C 163 -14.99 5.38 -28.94
CA GLU C 163 -14.86 5.54 -27.50
C GLU C 163 -13.39 5.77 -27.19
N THR C 164 -13.09 6.92 -26.57
CA THR C 164 -11.71 7.34 -26.30
C THR C 164 -11.57 7.64 -24.82
N THR C 165 -10.49 7.14 -24.21
CA THR C 165 -10.26 7.42 -22.80
C THR C 165 -9.66 8.82 -22.63
N THR C 166 -9.68 9.30 -21.39
CA THR C 166 -8.92 10.51 -21.07
C THR C 166 -7.48 10.13 -20.78
N PRO C 167 -6.51 10.95 -21.19
CA PRO C 167 -5.10 10.62 -20.95
C PRO C 167 -4.84 10.42 -19.46
N SER C 168 -4.04 9.41 -19.14
CA SER C 168 -3.71 9.11 -17.76
C SER C 168 -2.20 9.02 -17.60
N LYS C 169 -1.70 9.49 -16.46
CA LYS C 169 -0.27 9.53 -16.22
C LYS C 169 0.27 8.11 -16.02
N GLN C 170 1.30 7.75 -16.79
CA GLN C 170 1.97 6.47 -16.63
C GLN C 170 2.91 6.53 -15.42
N SER C 171 3.82 5.56 -15.33
CA SER C 171 4.78 5.55 -14.24
C SER C 171 5.97 6.45 -14.49
N ASN C 172 6.25 6.81 -15.75
CA ASN C 172 7.35 7.69 -16.10
C ASN C 172 6.90 9.12 -16.35
N ASN C 173 5.85 9.57 -15.67
CA ASN C 173 5.34 10.93 -15.76
C ASN C 173 4.88 11.31 -17.17
N LYS C 174 4.91 10.37 -18.10
CA LYS C 174 4.29 10.56 -19.40
C LYS C 174 2.86 10.04 -19.36
N TYR C 175 2.14 10.26 -20.46
CA TYR C 175 0.72 9.95 -20.53
C TYR C 175 0.45 8.85 -21.54
N ALA C 176 -0.68 8.17 -21.33
CA ALA C 176 -1.15 7.11 -22.21
C ALA C 176 -2.64 7.28 -22.43
N ALA C 177 -3.10 6.82 -23.59
CA ALA C 177 -4.52 6.86 -23.91
C ALA C 177 -4.79 5.75 -24.92
N SER C 178 -6.08 5.52 -25.17
CA SER C 178 -6.49 4.55 -26.18
C SER C 178 -7.87 4.95 -26.69
N SER C 179 -8.16 4.52 -27.91
CA SER C 179 -9.41 4.83 -28.57
C SER C 179 -9.87 3.57 -29.30
N TYR C 180 -11.17 3.29 -29.20
CA TYR C 180 -11.76 2.08 -29.74
C TYR C 180 -12.85 2.47 -30.73
N LEU C 181 -12.85 1.80 -31.89
CA LEU C 181 -13.88 2.00 -32.89
C LEU C 181 -14.63 0.69 -33.08
N SER C 182 -15.91 0.69 -32.75
CA SER C 182 -16.76 -0.49 -32.90
C SER C 182 -17.51 -0.42 -34.21
N LEU C 183 -17.43 -1.50 -34.98
CA LEU C 183 -18.06 -1.62 -36.28
C LEU C 183 -18.80 -2.94 -36.36
N THR C 184 -19.69 -3.04 -37.35
CA THR C 184 -20.15 -4.36 -37.71
C THR C 184 -19.17 -4.99 -38.68
N PRO C 185 -19.10 -6.33 -38.72
CA PRO C 185 -18.19 -6.98 -39.69
C PRO C 185 -18.45 -6.56 -41.12
N GLU C 186 -19.70 -6.17 -41.44
CA GLU C 186 -19.99 -5.71 -42.80
C GLU C 186 -19.36 -4.36 -43.07
N GLN C 187 -19.45 -3.42 -42.11
CA GLN C 187 -18.80 -2.13 -42.26
C GLN C 187 -17.29 -2.30 -42.45
N TRP C 188 -16.67 -3.16 -41.63
CA TRP C 188 -15.25 -3.42 -41.76
C TRP C 188 -14.90 -3.96 -43.13
N LYS C 189 -15.64 -4.96 -43.60
CA LYS C 189 -15.31 -5.61 -44.86
C LYS C 189 -15.58 -4.75 -46.08
N SER C 190 -16.42 -3.71 -45.95
CA SER C 190 -16.81 -2.92 -47.12
C SER C 190 -15.73 -1.93 -47.50
N HIS C 191 -15.37 -1.03 -46.58
CA HIS C 191 -14.36 -0.01 -46.88
C HIS C 191 -13.01 -0.67 -47.17
N ARG C 192 -12.20 0.04 -47.95
CA ARG C 192 -10.86 -0.43 -48.27
C ARG C 192 -9.85 -0.11 -47.18
N SER C 193 -10.19 0.76 -46.23
CA SER C 193 -9.20 1.25 -45.28
C SER C 193 -9.88 1.94 -44.11
N TYR C 194 -9.24 1.86 -42.95
CA TYR C 194 -9.59 2.64 -41.76
C TYR C 194 -8.32 3.20 -41.16
N SER C 195 -8.44 4.35 -40.49
CA SER C 195 -7.28 5.07 -40.00
C SER C 195 -7.52 5.66 -38.62
N CYS C 196 -6.52 5.51 -37.74
CA CYS C 196 -6.48 6.24 -36.47
C CYS C 196 -5.54 7.43 -36.64
N GLN C 197 -6.02 8.61 -36.32
CA GLN C 197 -5.32 9.87 -36.58
C GLN C 197 -5.17 10.61 -35.25
N VAL C 198 -3.94 10.71 -34.76
CA VAL C 198 -3.65 11.27 -33.45
C VAL C 198 -2.92 12.59 -33.62
N THR C 199 -3.44 13.65 -33.01
CA THR C 199 -2.84 14.96 -33.07
C THR C 199 -2.32 15.35 -31.69
N HIS C 200 -1.11 15.87 -31.64
CA HIS C 200 -0.46 16.20 -30.37
C HIS C 200 0.46 17.39 -30.61
N GLU C 201 0.13 18.53 -30.02
CA GLU C 201 0.93 19.76 -30.12
C GLU C 201 1.14 20.16 -31.58
N GLY C 202 0.08 20.06 -32.37
CA GLY C 202 0.14 20.45 -33.77
C GLY C 202 0.74 19.44 -34.73
N SER C 203 1.33 18.36 -34.23
CA SER C 203 1.87 17.29 -35.07
C SER C 203 0.96 16.07 -34.99
N THR C 204 0.89 15.33 -36.09
CA THR C 204 -0.09 14.25 -36.25
C THR C 204 0.60 12.97 -36.68
N VAL C 205 0.21 11.86 -36.04
CA VAL C 205 0.60 10.52 -36.43
C VAL C 205 -0.66 9.79 -36.87
N GLU C 206 -0.61 9.18 -38.05
CA GLU C 206 -1.75 8.46 -38.60
C GLU C 206 -1.33 7.03 -38.94
N LYS C 207 -1.97 6.06 -38.29
CA LYS C 207 -1.83 4.66 -38.62
C LYS C 207 -3.08 4.18 -39.34
N THR C 208 -2.89 3.22 -40.24
CA THR C 208 -3.97 2.73 -41.10
C THR C 208 -3.96 1.20 -41.15
N VAL C 209 -5.14 0.60 -41.18
CA VAL C 209 -5.30 -0.84 -41.37
C VAL C 209 -6.35 -1.08 -42.44
N ALA C 210 -6.21 -2.20 -43.13
CA ALA C 210 -7.14 -2.61 -44.18
C ALA C 210 -7.63 -4.02 -43.95
N PRO C 211 -8.85 -4.34 -44.40
CA PRO C 211 -9.34 -5.72 -44.27
C PRO C 211 -8.58 -6.70 -45.15
N THR C 212 -8.16 -6.27 -46.34
CA THR C 212 -7.54 -7.19 -47.29
C THR C 212 -6.21 -7.71 -46.77
N GLU C 213 -5.42 -6.86 -46.12
CA GLU C 213 -4.13 -7.28 -45.62
C GLU C 213 -4.28 -8.26 -44.47
N CYS C 214 -3.20 -9.00 -44.20
CA CYS C 214 -3.25 -10.16 -43.33
C CYS C 214 -1.83 -10.68 -43.09
N SER C 215 -0.88 -9.76 -42.92
CA SER C 215 0.52 -10.09 -42.68
C SER C 215 1.04 -11.21 -43.58
#